data_1OP4
#
_entry.id   1OP4
#
_entity_poly.entity_id   1
_entity_poly.type   'polypeptide(L)'
_entity_poly.pdbx_seq_one_letter_code
;GHHHHHHHHHHSSGHIDDDDKHMEASGEIALCKTGFPEDVYSAVLPKDVHEGQPLLNVKFSNCNRKRKVQYESSEPADFK
VDEDGTVYAVRSFPLTAEQAKFLIYAQDKETQEKWQVAVNLSREPTLTEEPMKEPHEIEEIVFPRQLAKHSGALQRQKR
;
_entity_poly.pdbx_strand_id   A
#
# COMPACT_ATOMS: atom_id res chain seq x y z
N GLU A 24 -0.28 -23.56 -6.94
CA GLU A 24 1.13 -24.06 -6.81
C GLU A 24 1.13 -25.58 -6.64
N ALA A 25 0.87 -26.06 -5.45
CA ALA A 25 0.86 -27.53 -5.22
C ALA A 25 0.30 -27.86 -3.84
N SER A 26 -0.61 -27.06 -3.35
CA SER A 26 -1.20 -27.32 -2.02
C SER A 26 -2.72 -27.33 -2.09
N GLY A 27 -3.30 -26.42 -2.84
CA GLY A 27 -4.78 -26.38 -2.96
C GLY A 27 -5.38 -25.77 -1.68
N GLU A 28 -5.93 -24.59 -1.77
CA GLU A 28 -6.53 -23.96 -0.57
C GLU A 28 -7.92 -23.40 -0.90
N ILE A 29 -7.97 -22.26 -1.53
CA ILE A 29 -9.29 -21.67 -1.89
C ILE A 29 -9.26 -21.14 -3.33
N ALA A 30 -10.38 -20.69 -3.83
CA ALA A 30 -10.41 -20.17 -5.22
C ALA A 30 -11.50 -19.09 -5.36
N LEU A 31 -11.95 -18.54 -4.27
CA LEU A 31 -13.01 -17.49 -4.34
C LEU A 31 -12.39 -16.10 -4.35
N CYS A 32 -12.97 -15.18 -5.07
CA CYS A 32 -12.41 -13.80 -5.12
C CYS A 32 -12.72 -13.05 -3.82
N LYS A 33 -11.79 -12.29 -3.32
CA LYS A 33 -12.04 -11.54 -2.06
C LYS A 33 -11.86 -10.03 -2.29
N THR A 34 -12.92 -9.34 -2.57
CA THR A 34 -12.80 -7.87 -2.80
C THR A 34 -12.61 -7.14 -1.47
N GLY A 35 -11.57 -6.36 -1.36
CA GLY A 35 -11.32 -5.62 -0.08
C GLY A 35 -9.89 -5.86 0.37
N PHE A 36 -9.59 -5.58 1.61
CA PHE A 36 -8.21 -5.80 2.11
C PHE A 36 -8.04 -7.26 2.58
N PRO A 37 -6.81 -7.70 2.66
CA PRO A 37 -6.55 -9.11 3.06
C PRO A 37 -6.47 -9.25 4.58
N GLU A 38 -7.23 -8.49 5.32
CA GLU A 38 -7.20 -8.62 6.80
C GLU A 38 -5.76 -8.53 7.32
N ASP A 39 -4.99 -7.61 6.80
CA ASP A 39 -3.59 -7.46 7.27
C ASP A 39 -3.27 -6.00 7.55
N VAL A 40 -2.03 -5.63 7.58
CA VAL A 40 -1.67 -4.21 7.84
C VAL A 40 -0.50 -3.77 6.96
N TYR A 41 -0.43 -2.51 6.64
CA TYR A 41 0.70 -2.02 5.81
C TYR A 41 1.61 -1.12 6.64
N SER A 42 2.85 -0.96 6.26
CA SER A 42 3.77 -0.10 7.07
C SER A 42 4.47 0.92 6.19
N ALA A 43 4.34 2.18 6.53
CA ALA A 43 5.02 3.24 5.73
C ALA A 43 6.15 3.86 6.56
N VAL A 44 7.30 4.07 5.96
CA VAL A 44 8.44 4.63 6.74
C VAL A 44 8.46 6.15 6.66
N LEU A 45 8.76 6.80 7.76
CA LEU A 45 8.82 8.29 7.76
C LEU A 45 10.13 8.74 8.42
N PRO A 46 10.61 9.90 8.04
CA PRO A 46 11.88 10.41 8.59
C PRO A 46 11.78 10.66 10.10
N LYS A 47 10.59 10.71 10.63
CA LYS A 47 10.43 10.96 12.09
C LYS A 47 11.20 12.21 12.50
N ASP A 48 11.37 13.14 11.59
CA ASP A 48 12.10 14.39 11.94
C ASP A 48 11.21 15.62 11.70
N VAL A 49 9.93 15.48 11.89
CA VAL A 49 9.00 16.63 11.70
C VAL A 49 9.02 17.11 10.24
N HIS A 50 9.13 16.20 9.31
CA HIS A 50 9.14 16.61 7.87
C HIS A 50 7.73 16.48 7.28
N GLU A 51 7.19 17.56 6.78
CA GLU A 51 5.82 17.49 6.19
C GLU A 51 5.89 17.03 4.73
N GLY A 52 4.78 17.03 4.04
CA GLY A 52 4.79 16.55 2.63
C GLY A 52 5.39 15.14 2.59
N GLN A 53 5.02 14.31 3.52
CA GLN A 53 5.61 12.95 3.58
C GLN A 53 5.09 12.08 2.43
N PRO A 54 5.80 11.00 2.19
CA PRO A 54 5.49 10.10 1.04
C PRO A 54 4.03 9.64 1.04
N LEU A 55 3.66 8.91 0.02
CA LEU A 55 2.25 8.43 -0.08
C LEU A 55 2.21 6.90 0.04
N LEU A 56 1.36 6.38 0.89
CA LEU A 56 1.26 4.90 1.04
C LEU A 56 0.18 4.34 0.12
N ASN A 57 0.33 3.11 -0.30
CA ASN A 57 -0.69 2.49 -1.19
C ASN A 57 -1.15 1.15 -0.64
N VAL A 58 -2.43 1.01 -0.41
CA VAL A 58 -2.95 -0.30 0.11
C VAL A 58 -3.25 -1.24 -1.05
N LYS A 59 -3.19 -2.52 -0.83
CA LYS A 59 -3.45 -3.49 -1.93
C LYS A 59 -4.92 -3.93 -1.94
N PHE A 60 -5.82 -3.02 -2.14
CA PHE A 60 -7.27 -3.39 -2.17
C PHE A 60 -7.50 -4.45 -3.26
N SER A 61 -8.01 -5.60 -2.88
CA SER A 61 -8.26 -6.66 -3.90
C SER A 61 -9.41 -6.24 -4.81
N ASN A 62 -9.21 -6.29 -6.10
CA ASN A 62 -10.30 -5.89 -7.03
C ASN A 62 -11.01 -7.11 -7.61
N CYS A 63 -12.21 -6.93 -8.09
CA CYS A 63 -12.96 -8.08 -8.69
C CYS A 63 -14.26 -7.57 -9.31
N ASN A 64 -15.07 -8.46 -9.83
CA ASN A 64 -16.35 -8.02 -10.45
C ASN A 64 -16.09 -6.92 -11.49
N ARG A 65 -16.97 -5.96 -11.61
CA ARG A 65 -16.75 -4.87 -12.60
C ARG A 65 -17.23 -3.52 -12.05
N LYS A 66 -16.37 -2.54 -12.03
CA LYS A 66 -16.76 -1.20 -11.51
C LYS A 66 -17.26 -1.28 -10.07
N ARG A 67 -16.55 -0.67 -9.15
CA ARG A 67 -17.00 -0.70 -7.73
C ARG A 67 -16.40 0.48 -6.96
N LYS A 68 -16.85 1.67 -7.24
CA LYS A 68 -16.30 2.86 -6.52
C LYS A 68 -16.73 2.82 -5.05
N VAL A 69 -15.79 2.68 -4.16
CA VAL A 69 -16.14 2.62 -2.71
C VAL A 69 -15.70 3.90 -2.00
N GLN A 70 -16.19 4.12 -0.81
CA GLN A 70 -15.79 5.35 -0.05
C GLN A 70 -14.59 5.05 0.84
N TYR A 71 -13.71 6.00 1.00
CA TYR A 71 -12.51 5.77 1.86
C TYR A 71 -12.44 6.79 2.99
N GLU A 72 -11.75 6.47 4.05
CA GLU A 72 -11.64 7.43 5.19
C GLU A 72 -10.32 7.23 5.93
N SER A 73 -9.69 8.30 6.36
CA SER A 73 -8.39 8.17 7.09
C SER A 73 -8.57 8.54 8.56
N SER A 74 -7.56 8.31 9.37
CA SER A 74 -7.67 8.65 10.81
C SER A 74 -6.28 8.79 11.44
N GLU A 75 -5.34 9.32 10.70
CA GLU A 75 -3.96 9.49 11.25
C GLU A 75 -3.80 10.88 11.87
N PRO A 76 -3.04 10.95 12.93
CA PRO A 76 -2.81 12.26 13.60
C PRO A 76 -2.37 13.31 12.58
N ALA A 77 -1.31 13.04 11.87
CA ALA A 77 -0.84 14.02 10.85
C ALA A 77 -1.91 14.25 9.79
N ASP A 78 -1.52 14.66 8.62
CA ASP A 78 -2.52 14.88 7.53
C ASP A 78 -2.44 13.73 6.53
N PHE A 79 -3.53 13.07 6.26
CA PHE A 79 -3.48 11.94 5.30
C PHE A 79 -4.61 12.04 4.27
N LYS A 80 -4.39 11.55 3.09
CA LYS A 80 -5.45 11.64 2.04
C LYS A 80 -5.69 10.27 1.39
N VAL A 81 -6.83 9.69 1.63
CA VAL A 81 -7.13 8.35 1.03
C VAL A 81 -7.72 8.51 -0.37
N ASP A 82 -7.04 8.03 -1.37
CA ASP A 82 -7.55 8.15 -2.76
C ASP A 82 -8.37 6.90 -3.14
N GLU A 83 -9.48 7.09 -3.79
CA GLU A 83 -10.34 5.92 -4.19
C GLU A 83 -9.49 4.81 -4.81
N ASP A 84 -8.37 5.16 -5.40
CA ASP A 84 -7.51 4.11 -6.01
C ASP A 84 -6.93 3.19 -4.94
N GLY A 85 -7.07 3.55 -3.68
CA GLY A 85 -6.53 2.69 -2.61
C GLY A 85 -5.17 3.23 -2.16
N THR A 86 -4.99 4.53 -2.24
CA THR A 86 -3.68 5.11 -1.83
C THR A 86 -3.87 6.15 -0.74
N VAL A 87 -3.38 5.89 0.46
CA VAL A 87 -3.50 6.92 1.53
C VAL A 87 -2.19 7.70 1.60
N TYR A 88 -2.25 8.99 1.43
CA TYR A 88 -1.01 9.80 1.41
C TYR A 88 -0.55 10.15 2.82
N ALA A 89 0.74 10.04 3.08
CA ALA A 89 1.26 10.40 4.43
C ALA A 89 1.81 11.83 4.39
N VAL A 90 1.20 12.71 5.15
CA VAL A 90 1.66 14.13 5.19
C VAL A 90 1.97 14.52 6.63
N ARG A 91 2.86 15.47 6.82
CA ARG A 91 3.21 15.91 8.21
C ARG A 91 3.80 14.75 9.01
N SER A 92 4.85 15.00 9.72
CA SER A 92 5.49 13.91 10.51
C SER A 92 5.24 14.14 12.01
N PHE A 93 4.01 14.08 12.43
CA PHE A 93 3.71 14.30 13.88
C PHE A 93 2.65 13.29 14.36
N PRO A 94 2.88 12.64 15.49
CA PRO A 94 4.12 12.84 16.31
C PRO A 94 5.31 12.18 15.62
N LEU A 95 5.29 10.87 15.50
CA LEU A 95 6.41 10.16 14.84
C LEU A 95 7.75 10.58 15.45
N THR A 96 8.02 10.16 16.65
CA THR A 96 9.31 10.53 17.30
C THR A 96 9.61 9.58 18.47
N ALA A 97 9.01 9.79 19.60
CA ALA A 97 9.24 8.89 20.76
C ALA A 97 8.62 7.52 20.48
N GLU A 98 7.63 7.47 19.62
CA GLU A 98 6.98 6.17 19.30
C GLU A 98 6.57 6.14 17.83
N GLN A 99 5.67 5.27 17.47
CA GLN A 99 5.24 5.19 16.05
C GLN A 99 3.78 5.65 15.91
N ALA A 100 3.40 6.09 14.74
CA ALA A 100 1.99 6.54 14.54
C ALA A 100 1.21 5.51 13.74
N LYS A 101 -0.02 5.24 14.10
CA LYS A 101 -0.80 4.21 13.36
C LYS A 101 -2.24 4.68 13.15
N PHE A 102 -2.81 4.38 12.01
CA PHE A 102 -4.22 4.79 11.74
C PHE A 102 -4.91 3.72 10.88
N LEU A 103 -6.21 3.81 10.74
CA LEU A 103 -6.93 2.79 9.94
C LEU A 103 -7.62 3.42 8.72
N ILE A 104 -7.39 2.88 7.56
CA ILE A 104 -8.07 3.42 6.35
C ILE A 104 -9.33 2.58 6.08
N TYR A 105 -10.48 3.17 6.25
CA TYR A 105 -11.75 2.39 6.06
C TYR A 105 -12.20 2.43 4.60
N ALA A 106 -12.79 1.35 4.14
CA ALA A 106 -13.29 1.31 2.74
C ALA A 106 -14.74 0.81 2.74
N GLN A 107 -15.55 1.28 1.84
CA GLN A 107 -16.97 0.84 1.81
C GLN A 107 -17.52 0.81 0.38
N ASP A 108 -17.83 -0.36 -0.12
CA ASP A 108 -18.38 -0.45 -1.50
C ASP A 108 -19.89 -0.30 -1.47
N LYS A 109 -20.40 0.77 -2.03
CA LYS A 109 -21.88 0.98 -2.04
C LYS A 109 -22.54 -0.01 -3.00
N GLU A 110 -21.83 -0.45 -3.99
CA GLU A 110 -22.40 -1.42 -4.95
C GLU A 110 -22.61 -2.78 -4.29
N THR A 111 -21.59 -3.32 -3.68
CA THR A 111 -21.73 -4.64 -3.01
C THR A 111 -22.15 -4.46 -1.54
N GLN A 112 -22.41 -3.25 -1.12
CA GLN A 112 -22.81 -3.04 0.30
C GLN A 112 -21.79 -3.68 1.25
N GLU A 113 -20.54 -3.63 0.89
CA GLU A 113 -19.49 -4.25 1.76
C GLU A 113 -18.57 -3.18 2.33
N LYS A 114 -17.68 -3.56 3.21
CA LYS A 114 -16.76 -2.57 3.83
C LYS A 114 -15.48 -3.26 4.31
N TRP A 115 -14.37 -2.58 4.29
CA TRP A 115 -13.11 -3.21 4.75
C TRP A 115 -12.32 -2.27 5.65
N GLN A 116 -11.26 -2.74 6.23
CA GLN A 116 -10.42 -1.88 7.12
C GLN A 116 -8.97 -2.35 7.12
N VAL A 117 -8.05 -1.51 6.76
CA VAL A 117 -6.63 -1.94 6.74
C VAL A 117 -5.81 -1.03 7.67
N ALA A 118 -5.03 -1.60 8.55
CA ALA A 118 -4.26 -0.77 9.51
C ALA A 118 -2.89 -0.40 8.94
N VAL A 119 -2.65 0.87 8.74
CA VAL A 119 -1.33 1.31 8.24
C VAL A 119 -0.48 1.84 9.40
N ASN A 120 0.73 1.38 9.53
CA ASN A 120 1.58 1.82 10.68
C ASN A 120 2.80 2.62 10.19
N LEU A 121 2.88 3.87 10.59
CA LEU A 121 4.07 4.69 10.20
C LEU A 121 5.20 4.45 11.20
N SER A 122 6.22 3.75 10.81
CA SER A 122 7.34 3.48 11.76
C SER A 122 8.67 3.34 11.02
N ARG A 123 9.77 3.38 11.72
CA ARG A 123 11.09 3.22 11.07
C ARG A 123 11.36 1.74 10.79
N GLU A 124 11.70 1.40 9.57
CA GLU A 124 11.95 -0.04 9.25
C GLU A 124 13.41 -0.25 8.80
N PRO A 125 14.33 -0.03 9.71
CA PRO A 125 15.77 -0.22 9.39
C PRO A 125 16.09 -1.71 9.28
N THR A 126 15.46 -2.40 8.37
CA THR A 126 15.72 -3.86 8.23
C THR A 126 16.96 -4.10 7.37
N LEU A 127 17.81 -5.01 7.78
CA LEU A 127 19.04 -5.30 6.99
C LEU A 127 18.79 -6.45 6.01
N THR A 128 17.80 -7.25 6.27
CA THR A 128 17.50 -8.40 5.37
C THR A 128 17.40 -7.92 3.91
N GLU A 129 18.29 -8.39 3.07
CA GLU A 129 18.25 -7.97 1.64
C GLU A 129 17.95 -9.17 0.74
N GLU A 130 17.12 -10.07 1.19
CA GLU A 130 16.78 -11.26 0.36
C GLU A 130 15.28 -11.53 0.41
N PRO A 131 14.53 -10.79 -0.37
CA PRO A 131 13.06 -10.97 -0.42
C PRO A 131 12.71 -12.32 -1.04
N MET A 132 11.76 -13.02 -0.47
CA MET A 132 11.37 -14.35 -1.04
C MET A 132 10.21 -14.19 -2.02
N LYS A 133 9.05 -13.83 -1.52
CA LYS A 133 7.87 -13.67 -2.41
C LYS A 133 7.10 -12.40 -2.06
N GLU A 134 7.80 -11.34 -1.75
CA GLU A 134 7.10 -10.06 -1.40
C GLU A 134 8.07 -8.88 -1.50
N PRO A 135 8.55 -8.64 -2.69
CA PRO A 135 9.50 -7.52 -2.91
C PRO A 135 8.85 -6.19 -2.49
N HIS A 136 7.78 -5.82 -3.13
CA HIS A 136 7.10 -4.54 -2.78
C HIS A 136 6.67 -4.57 -1.31
N GLU A 137 6.92 -3.51 -0.59
CA GLU A 137 6.53 -3.47 0.84
C GLU A 137 6.32 -2.03 1.31
N ILE A 138 5.84 -1.18 0.44
CA ILE A 138 5.60 0.24 0.84
C ILE A 138 6.87 0.85 1.45
N GLU A 139 8.02 0.45 1.00
CA GLU A 139 9.28 1.01 1.56
C GLU A 139 10.13 1.63 0.45
N GLU A 140 10.29 0.94 -0.65
CA GLU A 140 11.10 1.49 -1.77
C GLU A 140 12.50 1.87 -1.29
N ILE A 141 12.98 1.21 -0.26
CA ILE A 141 14.35 1.52 0.25
C ILE A 141 15.37 0.56 -0.35
N VAL A 142 15.29 -0.69 0.01
CA VAL A 142 16.26 -1.69 -0.53
C VAL A 142 15.78 -2.19 -1.90
N PHE A 143 16.66 -2.76 -2.68
CA PHE A 143 16.26 -3.27 -4.01
C PHE A 143 15.54 -2.16 -4.81
N PRO A 144 16.31 -1.34 -5.48
CA PRO A 144 15.72 -0.23 -6.27
C PRO A 144 14.74 -0.79 -7.31
N ARG A 145 14.08 0.08 -8.03
CA ARG A 145 13.11 -0.39 -9.06
C ARG A 145 13.18 0.49 -10.30
N GLN A 146 14.34 0.65 -10.87
CA GLN A 146 14.48 1.50 -12.08
C GLN A 146 15.46 0.87 -13.07
N LEU A 147 15.05 -0.19 -13.73
CA LEU A 147 15.96 -0.86 -14.71
C LEU A 147 15.15 -1.59 -15.78
N ALA A 148 14.30 -0.89 -16.47
CA ALA A 148 13.47 -1.54 -17.53
C ALA A 148 13.46 -0.70 -18.81
N LYS A 149 14.33 -1.01 -19.73
CA LYS A 149 14.37 -0.23 -21.00
C LYS A 149 13.11 -0.49 -21.83
N HIS A 150 12.70 -1.72 -21.92
CA HIS A 150 11.48 -2.04 -22.71
C HIS A 150 10.29 -1.21 -22.22
N SER A 151 9.73 -0.40 -23.07
CA SER A 151 8.56 0.44 -22.64
C SER A 151 7.32 0.06 -23.43
N GLY A 152 7.45 -0.09 -24.72
CA GLY A 152 6.26 -0.46 -25.56
C GLY A 152 6.52 -1.80 -26.25
N ALA A 153 5.75 -2.11 -27.26
CA ALA A 153 5.95 -3.40 -27.98
C ALA A 153 6.69 -3.17 -29.29
N LEU A 154 7.91 -3.61 -29.39
CA LEU A 154 8.67 -3.40 -30.65
C LEU A 154 8.83 -4.72 -31.40
N GLN A 155 8.57 -4.73 -32.68
CA GLN A 155 8.70 -5.99 -33.46
C GLN A 155 10.08 -6.06 -34.13
N ARG A 156 10.95 -6.90 -33.61
CA ARG A 156 12.31 -7.01 -34.22
C ARG A 156 12.87 -8.41 -34.00
N GLN A 157 12.03 -9.36 -33.74
CA GLN A 157 12.51 -10.76 -33.53
C GLN A 157 13.28 -11.25 -34.75
N LYS A 158 12.95 -10.75 -35.92
CA LYS A 158 13.66 -11.18 -37.15
C LYS A 158 13.93 -9.98 -38.06
N ARG A 159 14.62 -10.20 -39.14
CA ARG A 159 14.91 -9.06 -40.07
C ARG A 159 15.56 -7.90 -39.32
#